data_1FX5
#
_entry.id   1FX5
#
_cell.length_a   79.610
_cell.length_b   70.670
_cell.length_c   122.150
_cell.angle_alpha   90.00
_cell.angle_beta   108.60
_cell.angle_gamma   90.00
#
_symmetry.space_group_name_H-M   'C 1 2 1'
#
loop_
_entity.id
_entity.type
_entity.pdbx_description
1 polymer 'ANTI-H(O) LECTIN I'
2 branched Xylitol-(1-2)-[alpha-D-mannopyranose-(1-3)][alpha-D-mannopyranose-(1-6)]beta-D-mannopyranose-(1-4)-2-acetamido-2-deoxy-beta-D-glucopyranose-(1-4)-[alpha-L-fucopyranose-(1-3)]2-acetamido-2-deoxy-beta-D-glucopyranose
3 branched alpha-L-fucopyranose-(1-3)-[2-acetamido-2-deoxy-beta-D-glucopyranose-(1-4)]2-acetamido-2-deoxy-beta-D-glucopyranose
4 non-polymer 'MANGANESE (II) ION'
5 non-polymer 'CALCIUM ION'
6 non-polymer (4R)-2-METHYLPENTANE-2,4-DIOL
7 water water
#
_entity_poly.entity_id   1
_entity_poly.type   'polypeptide(L)'
_entity_poly.pdbx_seq_one_letter_code
;SDDLSFKFKNFSQNGKDLSFQGNASVIETGVLQLNKVGNNLPDETGGIARYIAPIHIWNCNTGELASFITSFSFFMETSA
NPKAATDGLTFFLAPPDSPLRRAGGYFGLFNDTKCDSSYQTVAVEFDTIGSPVNFWDPGFPHIGIDVNCVKSINAERWNK
RYGLNNVANVEIIYEASSKTLTASLTYPSDQTSISVTSIVDLKEILPEWVSVGFSGSTYIGRQATHEVLNWYFTSTFINT
NS
;
_entity_poly.pdbx_strand_id   A,B
#
# COMPACT_ATOMS: atom_id res chain seq x y z
N SER A 1 -0.07 2.82 8.38
CA SER A 1 -1.00 1.86 9.00
C SER A 1 -0.24 1.20 10.12
N ASP A 2 -0.90 0.32 10.86
CA ASP A 2 -0.27 -0.40 11.97
C ASP A 2 0.13 -1.78 11.45
N ASP A 3 -0.68 -2.32 10.54
CA ASP A 3 -0.44 -3.63 9.93
C ASP A 3 -0.52 -3.46 8.43
N LEU A 4 0.36 -4.17 7.73
CA LEU A 4 0.41 -4.15 6.28
C LEU A 4 0.94 -5.49 5.81
N SER A 5 0.34 -5.99 4.74
CA SER A 5 0.72 -7.26 4.19
C SER A 5 0.27 -7.31 2.72
N PHE A 6 1.15 -7.80 1.85
CA PHE A 6 0.83 -7.92 0.44
C PHE A 6 1.57 -9.10 -0.12
N LYS A 7 1.08 -9.65 -1.23
CA LYS A 7 1.71 -10.80 -1.88
C LYS A 7 1.58 -10.68 -3.38
N PHE A 8 2.70 -10.83 -4.07
CA PHE A 8 2.75 -10.76 -5.52
C PHE A 8 3.14 -12.20 -5.92
N LYS A 9 2.24 -12.92 -6.59
CA LYS A 9 2.53 -14.28 -7.03
C LYS A 9 3.43 -14.22 -8.27
N ASN A 10 3.35 -13.09 -8.96
CA ASN A 10 4.11 -12.75 -10.16
C ASN A 10 3.83 -11.27 -10.38
N PHE A 11 4.42 -10.64 -11.38
CA PHE A 11 4.21 -9.22 -11.63
C PHE A 11 3.59 -8.90 -12.99
N SER A 12 2.73 -7.87 -13.07
CA SER A 12 2.10 -7.50 -14.34
C SER A 12 2.71 -6.25 -14.94
N GLN A 13 2.79 -6.21 -16.27
CA GLN A 13 3.38 -5.07 -16.96
C GLN A 13 2.68 -3.72 -16.78
N ASN A 14 1.35 -3.74 -16.61
CA ASN A 14 0.59 -2.51 -16.44
C ASN A 14 0.23 -2.29 -14.96
N GLY A 15 1.08 -2.80 -14.07
CA GLY A 15 0.82 -2.66 -12.65
C GLY A 15 0.91 -1.21 -12.23
N LYS A 16 0.18 -0.85 -11.19
CA LYS A 16 0.20 0.53 -10.71
C LYS A 16 0.71 0.68 -9.29
N ASP A 17 1.12 -0.42 -8.66
CA ASP A 17 1.60 -0.35 -7.29
C ASP A 17 3.10 -0.45 -6.98
N LEU A 18 3.95 -0.31 -7.99
CA LEU A 18 5.41 -0.36 -7.82
C LEU A 18 5.93 0.95 -8.37
N SER A 19 7.00 1.45 -7.77
CA SER A 19 7.61 2.71 -8.19
C SER A 19 8.99 2.33 -8.76
N PHE A 20 9.35 2.83 -9.94
CA PHE A 20 10.67 2.48 -10.52
C PHE A 20 11.63 3.64 -10.68
N GLN A 21 12.92 3.32 -10.63
CA GLN A 21 14.01 4.30 -10.78
C GLN A 21 15.14 3.59 -11.54
N GLY A 22 15.84 4.31 -12.40
CA GLY A 22 16.92 3.70 -13.15
C GLY A 22 16.38 2.77 -14.22
N ASN A 23 17.04 1.65 -14.44
CA ASN A 23 16.58 0.74 -15.46
C ASN A 23 15.91 -0.55 -15.03
N ALA A 24 15.02 -0.48 -14.04
CA ALA A 24 14.30 -1.66 -13.53
C ALA A 24 12.87 -1.64 -14.13
N SER A 25 12.24 -2.81 -14.31
CA SER A 25 10.88 -2.85 -14.88
C SER A 25 10.35 -4.25 -14.91
N VAL A 26 9.05 -4.39 -15.17
CA VAL A 26 8.43 -5.70 -15.24
C VAL A 26 8.41 -6.08 -16.72
N ILE A 27 8.99 -7.22 -17.06
CA ILE A 27 9.05 -7.70 -18.45
C ILE A 27 7.84 -8.59 -18.84
N GLU A 28 7.72 -8.91 -20.13
CA GLU A 28 6.61 -9.75 -20.67
C GLU A 28 6.35 -11.11 -20.01
N THR A 29 7.38 -11.70 -19.41
CA THR A 29 7.24 -12.99 -18.75
C THR A 29 6.61 -12.89 -17.37
N GLY A 30 6.40 -11.67 -16.87
CA GLY A 30 5.81 -11.47 -15.55
C GLY A 30 6.84 -11.47 -14.42
N VAL A 31 8.09 -11.18 -14.76
CA VAL A 31 9.22 -11.13 -13.83
C VAL A 31 9.68 -9.68 -13.60
N LEU A 32 10.12 -9.38 -12.38
CA LEU A 32 10.61 -8.04 -12.06
C LEU A 32 12.12 -8.01 -12.33
N GLN A 33 12.53 -7.29 -13.38
CA GLN A 33 13.94 -7.17 -13.77
C GLN A 33 14.54 -5.93 -13.14
N LEU A 34 15.46 -6.12 -12.20
CA LEU A 34 16.09 -5.00 -11.52
C LEU A 34 17.05 -4.12 -12.35
N ASN A 35 17.69 -4.70 -13.35
CA ASN A 35 18.62 -3.94 -14.17
C ASN A 35 18.67 -4.58 -15.54
N LYS A 36 19.03 -3.81 -16.54
CA LYS A 36 19.10 -4.38 -17.88
C LYS A 36 20.57 -4.46 -18.29
N VAL A 37 20.83 -5.32 -19.27
CA VAL A 37 22.18 -5.52 -19.80
C VAL A 37 22.16 -5.07 -21.26
N GLY A 38 23.34 -4.92 -21.85
CA GLY A 38 23.45 -4.50 -23.23
C GLY A 38 24.59 -3.49 -23.32
N ASN A 39 25.09 -3.21 -24.51
CA ASN A 39 26.20 -2.25 -24.63
C ASN A 39 25.85 -0.77 -24.80
N ASN A 40 24.56 -0.45 -24.83
CA ASN A 40 24.12 0.94 -24.96
C ASN A 40 23.70 1.48 -23.57
N LEU A 41 24.48 1.17 -22.53
CA LEU A 41 24.19 1.62 -21.15
C LEU A 41 25.46 2.22 -20.58
N PRO A 42 25.34 3.01 -19.50
CA PRO A 42 26.51 3.63 -18.86
C PRO A 42 27.40 2.49 -18.30
N ASP A 43 28.67 2.76 -17.99
CA ASP A 43 29.59 1.74 -17.45
C ASP A 43 29.00 1.10 -16.18
N GLU A 44 28.57 1.96 -15.25
CA GLU A 44 27.96 1.51 -14.00
C GLU A 44 26.47 1.67 -14.23
N THR A 45 25.73 0.58 -14.32
CA THR A 45 24.30 0.66 -14.56
C THR A 45 23.46 -0.14 -13.55
N GLY A 46 22.22 0.30 -13.31
CA GLY A 46 21.36 -0.39 -12.37
C GLY A 46 19.92 0.12 -12.28
N GLY A 47 19.11 -0.45 -11.37
CA GLY A 47 17.72 -0.02 -11.20
C GLY A 47 17.20 -0.26 -9.80
N ILE A 48 16.05 0.34 -9.46
CA ILE A 48 15.41 0.21 -8.15
C ILE A 48 13.89 0.08 -8.29
N ALA A 49 13.26 -0.71 -7.43
CA ALA A 49 11.81 -0.90 -7.46
C ALA A 49 11.32 -0.97 -6.01
N ARG A 50 10.31 -0.18 -5.67
CA ARG A 50 9.77 -0.17 -4.32
C ARG A 50 8.27 -0.24 -4.33
N TYR A 51 7.67 -0.76 -3.25
CA TYR A 51 6.21 -0.84 -3.18
C TYR A 51 5.84 0.66 -3.05
N ILE A 52 4.74 1.06 -3.71
CA ILE A 52 4.32 2.45 -3.69
C ILE A 52 3.94 3.14 -2.37
N ALA A 53 3.43 2.38 -1.40
CA ALA A 53 3.05 2.94 -0.12
C ALA A 53 4.16 2.83 0.95
N PRO A 54 4.43 3.92 1.71
CA PRO A 54 5.46 3.87 2.77
C PRO A 54 4.97 2.97 3.92
N ILE A 55 5.91 2.42 4.67
CA ILE A 55 5.63 1.54 5.79
C ILE A 55 5.96 2.31 7.07
N HIS A 56 5.10 2.15 8.08
CA HIS A 56 5.27 2.78 9.38
C HIS A 56 6.18 1.81 10.12
N ILE A 57 7.47 2.10 10.23
CA ILE A 57 8.38 1.18 10.90
C ILE A 57 8.48 1.37 12.41
N TRP A 58 8.41 2.59 12.89
CA TRP A 58 8.47 2.80 14.32
C TRP A 58 7.58 4.00 14.63
N ASN A 59 7.10 4.05 15.86
CA ASN A 59 6.22 5.12 16.32
C ASN A 59 6.78 6.03 17.40
N CYS A 60 7.03 7.30 17.09
CA CYS A 60 7.58 8.21 18.12
C CYS A 60 6.65 8.51 19.30
N ASN A 61 5.34 8.38 19.11
CA ASN A 61 4.40 8.66 20.18
C ASN A 61 4.40 7.56 21.25
N THR A 62 4.43 6.29 20.83
CA THR A 62 4.43 5.20 21.78
C THR A 62 5.79 4.55 22.04
N GLY A 63 6.79 4.90 21.23
CA GLY A 63 8.11 4.32 21.41
C GLY A 63 8.19 2.91 20.88
N GLU A 64 7.13 2.47 20.20
CA GLU A 64 7.09 1.11 19.63
C GLU A 64 7.81 0.97 18.32
N LEU A 65 8.31 -0.24 18.11
CA LEU A 65 9.04 -0.62 16.92
C LEU A 65 8.34 -1.83 16.27
N ALA A 66 8.12 -1.81 14.96
CA ALA A 66 7.46 -2.93 14.29
C ALA A 66 8.37 -4.13 13.94
N SER A 67 7.76 -5.30 13.81
CA SER A 67 8.48 -6.53 13.45
C SER A 67 8.03 -6.81 12.01
N PHE A 68 8.88 -7.46 11.21
CA PHE A 68 8.49 -7.76 9.83
C PHE A 68 9.16 -9.01 9.31
N ILE A 69 8.59 -9.53 8.24
CA ILE A 69 9.12 -10.72 7.60
C ILE A 69 8.84 -10.55 6.12
N THR A 70 9.80 -10.92 5.28
CA THR A 70 9.65 -10.81 3.84
C THR A 70 10.33 -12.04 3.20
N SER A 71 9.79 -12.49 2.08
CA SER A 71 10.36 -13.64 1.39
C SER A 71 10.17 -13.43 -0.11
N PHE A 72 11.15 -13.90 -0.89
CA PHE A 72 11.12 -13.78 -2.35
C PHE A 72 12.11 -14.77 -2.98
N SER A 73 11.89 -15.07 -4.26
CA SER A 73 12.75 -15.98 -5.01
C SER A 73 13.39 -15.14 -6.12
N PHE A 74 14.66 -15.40 -6.41
CA PHE A 74 15.34 -14.64 -7.46
C PHE A 74 16.33 -15.55 -8.24
N PHE A 75 16.80 -15.06 -9.39
CA PHE A 75 17.76 -15.80 -10.20
C PHE A 75 18.54 -14.74 -11.00
N MET A 76 19.74 -15.12 -11.45
CA MET A 76 20.58 -14.21 -12.22
C MET A 76 20.99 -14.89 -13.51
N GLU A 77 21.21 -14.10 -14.56
CA GLU A 77 21.61 -14.65 -15.86
C GLU A 77 22.81 -13.86 -16.36
N THR A 78 23.76 -14.54 -16.97
CA THR A 78 24.95 -13.89 -17.48
C THR A 78 25.57 -14.60 -18.68
N SER A 79 26.19 -13.81 -19.57
CA SER A 79 26.85 -14.34 -20.77
C SER A 79 28.36 -14.31 -20.55
N ALA A 80 28.79 -13.68 -19.45
CA ALA A 80 30.21 -13.59 -19.11
C ALA A 80 30.53 -14.78 -18.21
N ASN A 81 31.80 -14.93 -17.87
CA ASN A 81 32.25 -16.02 -17.00
C ASN A 81 31.55 -15.72 -15.64
N PRO A 82 30.80 -16.69 -15.08
CA PRO A 82 30.08 -16.50 -13.80
C PRO A 82 30.90 -15.95 -12.64
N LYS A 83 32.12 -16.45 -12.47
CA LYS A 83 33.02 -16.02 -11.39
C LYS A 83 33.29 -14.51 -11.38
N ALA A 84 33.48 -13.95 -12.58
CA ALA A 84 33.75 -12.52 -12.79
C ALA A 84 32.55 -11.57 -12.88
N ALA A 85 31.35 -12.09 -13.08
CA ALA A 85 30.12 -11.27 -13.19
C ALA A 85 29.80 -10.48 -11.93
N THR A 86 29.28 -9.26 -12.11
CA THR A 86 28.94 -8.34 -11.01
C THR A 86 27.49 -7.85 -11.22
N ASP A 87 26.86 -7.12 -10.27
CA ASP A 87 27.40 -6.73 -8.95
C ASP A 87 26.57 -7.31 -7.81
N GLY A 88 25.31 -7.69 -8.11
CA GLY A 88 24.42 -8.26 -7.10
C GLY A 88 23.09 -7.55 -6.93
N LEU A 89 22.33 -7.96 -5.92
CA LEU A 89 21.03 -7.33 -5.68
C LEU A 89 20.93 -6.97 -4.20
N THR A 90 19.87 -6.25 -3.85
CA THR A 90 19.69 -5.82 -2.49
C THR A 90 18.23 -5.67 -2.07
N PHE A 91 17.94 -5.94 -0.78
CA PHE A 91 16.58 -5.77 -0.24
C PHE A 91 16.92 -4.60 0.72
N PHE A 92 16.18 -3.49 0.67
CA PHE A 92 16.50 -2.37 1.55
C PHE A 92 15.37 -1.51 2.10
N LEU A 93 15.67 -0.79 3.18
CA LEU A 93 14.69 0.11 3.83
C LEU A 93 15.38 1.47 3.79
N ALA A 94 14.71 2.50 3.27
CA ALA A 94 15.28 3.85 3.19
C ALA A 94 14.20 4.95 3.16
N PRO A 95 14.60 6.23 3.25
CA PRO A 95 13.57 7.28 3.21
C PRO A 95 12.77 7.06 1.91
N PRO A 96 11.42 7.16 1.94
CA PRO A 96 10.58 6.94 0.75
C PRO A 96 10.85 7.79 -0.48
N ASP A 97 11.45 8.94 -0.28
CA ASP A 97 11.76 9.82 -1.38
C ASP A 97 13.24 9.88 -1.72
N SER A 98 14.04 8.90 -1.30
CA SER A 98 15.47 8.96 -1.61
C SER A 98 15.71 8.78 -3.12
N PRO A 99 16.72 9.45 -3.67
CA PRO A 99 17.02 9.34 -5.11
C PRO A 99 17.93 8.16 -5.47
N LEU A 100 18.01 7.84 -6.75
CA LEU A 100 18.87 6.74 -7.23
C LEU A 100 20.28 7.34 -7.14
N ARG A 101 21.25 6.61 -6.59
CA ARG A 101 22.62 7.12 -6.50
C ARG A 101 23.53 6.35 -7.44
N ARG A 102 24.78 6.13 -7.03
CA ARG A 102 25.72 5.42 -7.89
C ARG A 102 25.48 3.90 -8.00
N ALA A 103 25.52 3.39 -9.23
CA ALA A 103 25.30 1.96 -9.47
C ALA A 103 26.62 1.15 -9.44
N GLY A 104 26.72 0.08 -10.21
CA GLY A 104 27.96 -0.67 -10.17
C GLY A 104 28.08 -1.27 -8.77
N GLY A 105 29.29 -1.30 -8.18
CA GLY A 105 29.43 -1.88 -6.85
C GLY A 105 28.81 -1.11 -5.68
N TYR A 106 28.15 0.00 -5.97
CA TYR A 106 27.52 0.80 -4.94
C TYR A 106 26.00 0.55 -4.87
N PHE A 107 25.52 -0.38 -5.71
CA PHE A 107 24.11 -0.79 -5.80
C PHE A 107 23.01 0.24 -5.97
N GLY A 108 23.38 1.46 -6.35
CA GLY A 108 22.40 2.51 -6.54
C GLY A 108 21.96 3.13 -5.21
N LEU A 109 22.54 2.67 -4.10
CA LEU A 109 22.19 3.18 -2.77
C LEU A 109 23.14 4.21 -2.18
N PHE A 110 24.41 4.14 -2.57
CA PHE A 110 25.45 5.05 -2.06
C PHE A 110 26.23 5.84 -3.14
N ASN A 111 26.94 6.90 -2.73
CA ASN A 111 27.75 7.76 -3.62
C ASN A 111 29.15 7.19 -3.84
N ASP A 112 29.74 6.71 -2.76
CA ASP A 112 31.09 6.14 -2.78
C ASP A 112 31.30 5.34 -1.49
N THR A 113 32.55 5.17 -1.02
CA THR A 113 32.78 4.39 0.20
C THR A 113 32.63 5.06 1.55
N LYS A 114 32.40 6.36 1.60
CA LYS A 114 32.25 7.02 2.90
C LYS A 114 30.96 6.63 3.59
N CYS A 115 31.04 6.33 4.89
CA CYS A 115 29.86 5.96 5.70
C CYS A 115 29.20 7.26 6.17
N ASP A 116 27.88 7.29 6.23
CA ASP A 116 27.24 8.52 6.65
C ASP A 116 25.84 8.27 7.17
N SER A 117 25.57 8.73 8.39
CA SER A 117 24.28 8.56 9.05
C SER A 117 23.11 9.15 8.30
N SER A 118 23.35 10.18 7.50
CA SER A 118 22.28 10.79 6.73
C SER A 118 21.68 9.94 5.63
N TYR A 119 22.31 8.79 5.31
CA TYR A 119 21.79 7.91 4.27
C TYR A 119 20.49 7.27 4.84
N GLN A 120 20.47 6.99 6.15
CA GLN A 120 19.32 6.37 6.83
C GLN A 120 18.88 5.16 6.01
N THR A 121 19.84 4.26 5.79
CA THR A 121 19.62 3.05 5.01
C THR A 121 20.13 1.78 5.66
N VAL A 122 19.33 0.73 5.61
CA VAL A 122 19.71 -0.57 6.17
C VAL A 122 19.44 -1.51 4.99
N ALA A 123 20.44 -2.25 4.54
CA ALA A 123 20.23 -3.16 3.42
C ALA A 123 20.86 -4.52 3.61
N VAL A 124 20.23 -5.53 3.03
CA VAL A 124 20.72 -6.89 3.11
C VAL A 124 21.24 -7.08 1.68
N GLU A 125 22.55 -7.22 1.52
CA GLU A 125 23.15 -7.39 0.20
C GLU A 125 23.58 -8.84 -0.17
N PHE A 126 23.39 -9.16 -1.45
CA PHE A 126 23.72 -10.43 -2.10
C PHE A 126 24.75 -9.90 -3.11
N ASP A 127 25.95 -9.71 -2.58
CA ASP A 127 27.10 -9.18 -3.28
C ASP A 127 27.87 -10.24 -4.07
N THR A 128 27.82 -10.12 -5.40
CA THR A 128 28.52 -11.07 -6.27
C THR A 128 30.00 -10.87 -6.56
N ILE A 129 30.61 -9.78 -6.09
CA ILE A 129 32.05 -9.53 -6.32
C ILE A 129 32.71 -8.78 -5.14
N GLY A 130 33.83 -9.32 -4.65
CA GLY A 130 34.57 -8.71 -3.53
C GLY A 130 35.96 -8.15 -3.87
N SER A 131 36.88 -8.09 -2.91
CA SER A 131 38.22 -7.56 -3.21
C SER A 131 38.97 -8.59 -4.05
N PRO A 132 39.96 -8.13 -4.84
CA PRO A 132 40.47 -6.78 -5.04
C PRO A 132 39.59 -5.83 -5.86
N VAL A 133 38.67 -6.37 -6.65
CA VAL A 133 37.79 -5.52 -7.47
C VAL A 133 37.09 -4.45 -6.64
N ASN A 134 36.59 -4.83 -5.47
CA ASN A 134 35.91 -3.90 -4.57
C ASN A 134 36.80 -3.99 -3.33
N PHE A 135 37.69 -3.03 -3.15
CA PHE A 135 38.60 -3.06 -1.99
C PHE A 135 38.00 -3.05 -0.59
N TRP A 136 36.75 -2.62 -0.46
CA TRP A 136 36.10 -2.58 0.85
C TRP A 136 35.41 -3.88 1.29
N ASP A 137 35.33 -4.88 0.41
CA ASP A 137 34.70 -6.18 0.66
C ASP A 137 35.65 -7.32 1.07
N PRO A 138 35.10 -8.46 1.58
CA PRO A 138 35.97 -9.58 1.93
C PRO A 138 36.40 -10.14 0.53
N GLY A 139 37.43 -10.99 0.48
CA GLY A 139 37.88 -11.51 -0.81
C GLY A 139 37.09 -12.60 -1.49
N PHE A 140 35.76 -12.49 -1.54
CA PHE A 140 34.89 -13.50 -2.19
C PHE A 140 33.43 -13.03 -2.18
N PRO A 141 32.54 -13.65 -3.01
CA PRO A 141 31.11 -13.25 -3.04
C PRO A 141 30.58 -13.43 -1.61
N HIS A 142 29.56 -12.69 -1.23
CA HIS A 142 29.04 -12.82 0.14
C HIS A 142 27.70 -12.15 0.37
N ILE A 143 27.00 -12.54 1.45
CA ILE A 143 25.71 -11.89 1.73
C ILE A 143 26.01 -11.09 3.02
N GLY A 144 25.70 -9.79 3.01
CA GLY A 144 25.97 -8.98 4.19
C GLY A 144 24.92 -7.98 4.62
N ILE A 145 25.13 -7.43 5.80
CA ILE A 145 24.23 -6.44 6.36
C ILE A 145 24.91 -5.06 6.37
N ASP A 146 24.31 -4.11 5.66
CA ASP A 146 24.83 -2.74 5.55
C ASP A 146 24.01 -1.74 6.33
N VAL A 147 24.69 -0.91 7.10
CA VAL A 147 24.03 0.12 7.90
C VAL A 147 24.69 1.45 7.55
N ASN A 148 23.99 2.26 6.75
CA ASN A 148 24.50 3.58 6.34
C ASN A 148 25.88 3.59 5.64
N CYS A 149 26.26 2.48 5.02
CA CYS A 149 27.55 2.42 4.34
C CYS A 149 27.64 1.19 3.42
N VAL A 150 28.48 1.28 2.39
CA VAL A 150 28.65 0.18 1.44
C VAL A 150 29.51 -0.94 2.10
N LYS A 151 30.16 -0.60 3.21
CA LYS A 151 30.99 -1.56 3.93
C LYS A 151 30.08 -2.22 4.99
N SER A 152 30.00 -3.55 5.00
CA SER A 152 29.14 -4.27 5.96
C SER A 152 29.64 -4.39 7.41
N ILE A 153 28.74 -4.53 8.38
CA ILE A 153 29.18 -4.67 9.77
C ILE A 153 29.39 -6.20 9.99
N ASN A 154 28.71 -7.02 9.20
CA ASN A 154 28.82 -8.47 9.27
C ASN A 154 28.53 -9.03 7.88
N ALA A 155 29.22 -10.09 7.50
CA ALA A 155 29.05 -10.72 6.19
C ALA A 155 29.42 -12.21 6.23
N GLU A 156 28.81 -13.03 5.38
CA GLU A 156 29.12 -14.46 5.35
C GLU A 156 29.42 -14.87 3.90
N ARG A 157 30.35 -15.80 3.75
CA ARG A 157 30.75 -16.30 2.43
C ARG A 157 29.60 -16.93 1.68
N TRP A 158 29.49 -16.64 0.38
CA TRP A 158 28.42 -17.16 -0.48
C TRP A 158 28.95 -17.70 -1.81
N ASN A 159 28.67 -18.97 -2.12
CA ASN A 159 29.14 -19.53 -3.38
C ASN A 159 27.97 -19.35 -4.36
N LYS A 160 27.98 -18.21 -5.04
CA LYS A 160 26.94 -17.82 -6.03
C LYS A 160 26.73 -18.81 -7.18
N ARG A 161 25.48 -18.93 -7.62
CA ARG A 161 25.09 -19.82 -8.71
C ARG A 161 24.27 -18.97 -9.69
N TYR A 162 24.40 -19.23 -11.00
CA TYR A 162 23.67 -18.47 -12.01
C TYR A 162 22.75 -19.39 -12.80
N GLY A 163 21.74 -18.81 -13.48
CA GLY A 163 20.81 -19.61 -14.28
C GLY A 163 19.44 -19.86 -13.69
N LEU A 164 18.45 -20.07 -14.56
CA LEU A 164 17.07 -20.32 -14.11
C LEU A 164 16.94 -21.62 -13.32
N ASN A 165 17.83 -22.56 -13.59
CA ASN A 165 17.81 -23.84 -12.89
C ASN A 165 18.36 -23.69 -11.45
N ASN A 166 18.94 -22.53 -11.15
CA ASN A 166 19.49 -22.29 -9.83
C ASN A 166 18.76 -21.20 -9.02
N VAL A 167 17.44 -21.28 -9.00
CA VAL A 167 16.64 -20.30 -8.26
C VAL A 167 16.96 -20.40 -6.75
N ALA A 168 17.00 -19.25 -6.08
CA ALA A 168 17.27 -19.18 -4.65
C ALA A 168 16.04 -18.61 -3.95
N ASN A 169 15.73 -19.15 -2.77
CA ASN A 169 14.59 -18.69 -1.97
C ASN A 169 15.22 -17.94 -0.79
N VAL A 170 14.77 -16.71 -0.57
CA VAL A 170 15.27 -15.87 0.52
C VAL A 170 14.22 -15.51 1.59
N GLU A 171 14.66 -15.45 2.83
CA GLU A 171 13.76 -15.10 3.91
C GLU A 171 14.50 -14.15 4.85
N ILE A 172 13.89 -12.98 5.09
CA ILE A 172 14.46 -11.94 5.97
C ILE A 172 13.46 -11.62 7.08
N ILE A 173 13.95 -11.60 8.32
CA ILE A 173 13.11 -11.32 9.47
C ILE A 173 13.66 -10.29 10.46
N TYR A 174 12.81 -9.38 10.94
CA TYR A 174 13.27 -8.42 11.91
C TYR A 174 12.35 -8.63 13.11
N GLU A 175 12.92 -9.06 14.22
CA GLU A 175 12.14 -9.28 15.44
C GLU A 175 12.45 -8.10 16.36
N ALA A 176 11.46 -7.22 16.52
CA ALA A 176 11.61 -6.02 17.36
C ALA A 176 12.03 -6.19 18.83
N SER A 177 11.50 -7.21 19.51
CA SER A 177 11.84 -7.45 20.93
C SER A 177 13.34 -7.65 21.16
N SER A 178 14.02 -8.42 20.32
CA SER A 178 15.45 -8.60 20.56
C SER A 178 16.29 -7.77 19.60
N LYS A 179 15.64 -7.04 18.68
CA LYS A 179 16.33 -6.19 17.68
C LYS A 179 17.24 -6.98 16.72
N THR A 180 16.88 -8.25 16.47
CA THR A 180 17.63 -9.15 15.60
C THR A 180 17.18 -9.13 14.12
N LEU A 181 18.13 -8.96 13.21
CA LEU A 181 17.86 -8.93 11.77
C LEU A 181 18.59 -10.17 11.19
N THR A 182 17.85 -11.14 10.69
CA THR A 182 18.42 -12.37 10.10
C THR A 182 17.97 -12.53 8.66
N ALA A 183 18.90 -12.94 7.80
CA ALA A 183 18.61 -13.15 6.39
C ALA A 183 19.19 -14.50 6.02
N SER A 184 18.41 -15.33 5.33
CA SER A 184 18.90 -16.65 4.92
C SER A 184 18.54 -16.93 3.45
N LEU A 185 19.45 -17.59 2.78
CA LEU A 185 19.28 -17.95 1.39
C LEU A 185 19.36 -19.48 1.25
N THR A 186 18.47 -20.07 0.46
CA THR A 186 18.48 -21.51 0.26
C THR A 186 18.30 -21.90 -1.21
N TYR A 187 19.13 -22.83 -1.68
CA TYR A 187 19.04 -23.31 -3.07
C TYR A 187 18.29 -24.63 -2.89
N PRO A 188 17.00 -24.67 -3.26
CA PRO A 188 16.17 -25.87 -3.13
C PRO A 188 16.65 -27.14 -3.85
N SER A 189 17.50 -26.98 -4.86
CA SER A 189 18.02 -28.13 -5.62
C SER A 189 18.83 -29.10 -4.76
N ASP A 190 19.64 -28.56 -3.85
CA ASP A 190 20.45 -29.43 -3.00
C ASP A 190 20.37 -29.05 -1.54
N GLN A 191 19.50 -28.11 -1.22
CA GLN A 191 19.30 -27.66 0.16
C GLN A 191 20.47 -26.85 0.78
N THR A 192 21.38 -26.32 -0.05
CA THR A 192 22.51 -25.52 0.44
C THR A 192 21.86 -24.25 1.01
N SER A 193 22.17 -23.94 2.27
CA SER A 193 21.61 -22.76 2.91
C SER A 193 22.66 -21.94 3.67
N ILE A 194 22.51 -20.61 3.67
CA ILE A 194 23.46 -19.76 4.37
C ILE A 194 22.69 -18.63 5.04
N SER A 195 23.19 -18.12 6.15
CA SER A 195 22.49 -17.03 6.83
C SER A 195 23.46 -16.09 7.50
N VAL A 196 23.03 -14.84 7.61
CA VAL A 196 23.81 -13.78 8.23
C VAL A 196 22.85 -13.07 9.17
N THR A 197 23.36 -12.69 10.34
CA THR A 197 22.56 -12.02 11.35
C THR A 197 23.25 -10.87 12.01
N SER A 198 22.46 -9.93 12.53
CA SER A 198 22.97 -8.77 13.24
C SER A 198 21.91 -8.17 14.18
N ILE A 199 22.38 -7.42 15.18
CA ILE A 199 21.50 -6.78 16.15
C ILE A 199 21.69 -5.29 15.96
N VAL A 200 20.62 -4.64 15.47
CA VAL A 200 20.64 -3.22 15.21
C VAL A 200 19.30 -2.56 15.57
N ASP A 201 19.39 -1.46 16.28
CA ASP A 201 18.24 -0.68 16.72
C ASP A 201 17.75 0.24 15.60
N LEU A 202 16.70 -0.20 14.92
CA LEU A 202 16.14 0.57 13.82
C LEU A 202 15.65 1.98 14.16
N LYS A 203 15.21 2.21 15.42
CA LYS A 203 14.72 3.55 15.84
C LYS A 203 15.83 4.57 15.82
N GLU A 204 17.07 4.09 15.93
CA GLU A 204 18.21 4.98 15.93
C GLU A 204 18.83 5.24 14.56
N ILE A 205 18.41 4.49 13.55
CA ILE A 205 18.95 4.62 12.22
C ILE A 205 18.02 5.10 11.11
N LEU A 206 16.76 4.65 11.18
CA LEU A 206 15.74 5.01 10.18
C LEU A 206 14.65 6.02 10.61
N PRO A 207 14.03 6.71 9.65
CA PRO A 207 12.96 7.66 10.03
C PRO A 207 11.70 6.81 10.38
N GLU A 208 10.64 7.39 10.91
CA GLU A 208 9.44 6.61 11.25
C GLU A 208 8.76 5.90 10.08
N TRP A 209 8.80 6.52 8.90
CA TRP A 209 8.19 5.95 7.68
C TRP A 209 9.28 5.70 6.64
N VAL A 210 9.34 4.46 6.14
CA VAL A 210 10.33 4.08 5.12
C VAL A 210 9.70 3.31 3.98
N SER A 211 10.39 3.24 2.84
CA SER A 211 9.88 2.49 1.69
C SER A 211 10.63 1.15 1.72
N VAL A 212 10.08 0.08 1.16
CA VAL A 212 10.77 -1.22 1.13
C VAL A 212 10.87 -1.57 -0.36
N GLY A 213 11.98 -2.16 -0.80
CA GLY A 213 12.13 -2.51 -2.20
C GLY A 213 13.43 -3.22 -2.50
N PHE A 214 13.82 -3.24 -3.78
CA PHE A 214 15.04 -3.90 -4.20
C PHE A 214 15.84 -3.02 -5.15
N SER A 215 17.09 -3.37 -5.33
CA SER A 215 18.00 -2.65 -6.23
C SER A 215 18.88 -3.74 -6.86
N GLY A 216 19.30 -3.53 -8.10
CA GLY A 216 20.13 -4.48 -8.79
C GLY A 216 21.08 -3.67 -9.65
N SER A 217 22.32 -4.13 -9.85
CA SER A 217 23.25 -3.39 -10.66
C SER A 217 24.36 -4.27 -11.21
N THR A 218 25.07 -3.74 -12.21
CA THR A 218 26.17 -4.44 -12.88
C THR A 218 27.19 -3.44 -13.49
N TYR A 219 28.25 -3.96 -14.09
CA TYR A 219 29.29 -3.12 -14.69
C TYR A 219 29.65 -3.62 -16.10
N ILE A 220 30.19 -2.75 -16.99
CA ILE A 220 30.55 -3.21 -18.38
C ILE A 220 31.63 -4.26 -18.39
N GLY A 221 31.47 -5.24 -19.27
CA GLY A 221 32.46 -6.30 -19.35
C GLY A 221 32.19 -7.48 -18.46
N ARG A 222 31.27 -7.33 -17.50
CA ARG A 222 30.93 -8.42 -16.59
C ARG A 222 29.47 -8.34 -16.21
N GLN A 223 28.67 -7.96 -17.20
CA GLN A 223 27.24 -7.81 -17.05
C GLN A 223 26.44 -9.03 -16.73
N ALA A 224 25.42 -8.83 -15.90
CA ALA A 224 24.51 -9.87 -15.47
C ALA A 224 23.19 -9.18 -15.10
N THR A 225 22.08 -9.88 -15.32
CA THR A 225 20.77 -9.32 -14.98
C THR A 225 20.31 -10.05 -13.70
N HIS A 226 19.60 -9.34 -12.80
CA HIS A 226 19.11 -9.90 -11.55
C HIS A 226 17.60 -9.80 -11.58
N GLU A 227 16.93 -10.95 -11.41
CA GLU A 227 15.47 -11.03 -11.46
C GLU A 227 14.69 -11.64 -10.29
N VAL A 228 13.59 -11.00 -9.93
CA VAL A 228 12.76 -11.45 -8.83
C VAL A 228 11.49 -12.07 -9.39
N LEU A 229 11.14 -13.25 -8.88
CA LEU A 229 9.96 -13.98 -9.31
C LEU A 229 8.64 -13.72 -8.56
N ASN A 230 8.74 -13.50 -7.25
CA ASN A 230 7.55 -13.24 -6.44
C ASN A 230 8.02 -12.51 -5.21
N TRP A 231 7.07 -12.08 -4.39
CA TRP A 231 7.42 -11.33 -3.20
C TRP A 231 6.26 -11.30 -2.22
N TYR A 232 6.58 -11.57 -0.96
CA TYR A 232 5.60 -11.56 0.12
C TYR A 232 6.20 -10.69 1.22
N PHE A 233 5.37 -9.83 1.83
CA PHE A 233 5.82 -8.93 2.90
C PHE A 233 4.75 -8.65 3.93
N THR A 234 5.13 -8.64 5.20
CA THR A 234 4.19 -8.37 6.27
C THR A 234 4.87 -7.71 7.46
N SER A 235 4.28 -6.62 7.96
CA SER A 235 4.83 -5.90 9.12
C SER A 235 3.69 -5.68 10.09
N THR A 236 4.05 -5.63 11.37
CA THR A 236 3.07 -5.43 12.42
C THR A 236 3.77 -4.93 13.69
N PHE A 237 3.02 -4.19 14.52
CA PHE A 237 3.51 -3.66 15.79
C PHE A 237 3.02 -4.63 16.88
N ILE A 238 1.98 -5.38 16.56
CA ILE A 238 1.40 -6.32 17.48
C ILE A 238 1.92 -7.74 17.22
N ASN A 239 3.21 -7.95 17.46
CA ASN A 239 3.80 -9.28 17.25
C ASN A 239 3.38 -10.29 18.33
N THR A 240 3.10 -11.53 17.91
CA THR A 240 2.69 -12.60 18.83
C THR A 240 3.84 -13.26 19.59
N SER B 1 -0.77 -6.07 -6.63
CA SER B 1 -0.45 -7.34 -5.94
C SER B 1 -1.67 -8.24 -6.06
N ASP B 2 -1.58 -9.47 -5.56
CA ASP B 2 -2.70 -10.41 -5.60
C ASP B 2 -3.51 -10.33 -4.29
N ASP B 3 -2.79 -10.22 -3.17
CA ASP B 3 -3.38 -10.12 -1.84
C ASP B 3 -2.88 -8.82 -1.23
N LEU B 4 -3.75 -8.17 -0.46
CA LEU B 4 -3.44 -6.93 0.21
C LEU B 4 -4.35 -6.73 1.41
N SER B 5 -3.77 -6.32 2.53
CA SER B 5 -4.53 -6.07 3.75
C SER B 5 -3.79 -5.14 4.67
N PHE B 6 -4.51 -4.16 5.19
CA PHE B 6 -3.91 -3.20 6.09
C PHE B 6 -4.89 -2.92 7.21
N LYS B 7 -4.38 -2.39 8.31
CA LYS B 7 -5.23 -2.10 9.43
C LYS B 7 -4.75 -0.85 10.12
N PHE B 8 -5.67 0.08 10.36
CA PHE B 8 -5.37 1.36 11.02
C PHE B 8 -6.13 1.33 12.36
N LYS B 9 -5.44 1.21 13.49
CA LYS B 9 -6.09 1.18 14.80
C LYS B 9 -6.52 2.60 15.13
N ASN B 10 -5.84 3.55 14.51
CA ASN B 10 -6.09 4.98 14.66
C ASN B 10 -5.22 5.65 13.61
N PHE B 11 -5.40 6.94 13.37
CA PHE B 11 -4.62 7.64 12.36
C PHE B 11 -3.61 8.61 12.95
N SER B 12 -2.55 8.91 12.20
CA SER B 12 -1.53 9.84 12.70
C SER B 12 -1.43 11.09 11.85
N GLN B 13 -1.33 12.23 12.52
CA GLN B 13 -1.22 13.52 11.83
C GLN B 13 -0.13 13.58 10.79
N ASN B 14 1.05 13.05 11.10
CA ASN B 14 2.12 13.09 10.12
C ASN B 14 2.35 11.86 9.27
N GLY B 15 1.27 11.10 9.08
CA GLY B 15 1.30 9.88 8.29
C GLY B 15 1.62 10.13 6.83
N LYS B 16 2.07 9.09 6.14
CA LYS B 16 2.42 9.21 4.74
C LYS B 16 1.71 8.24 3.77
N ASP B 17 0.78 7.41 4.27
CA ASP B 17 0.09 6.47 3.39
C ASP B 17 -1.38 6.76 3.01
N LEU B 18 -1.78 8.04 3.04
CA LEU B 18 -3.15 8.46 2.70
C LEU B 18 -3.14 9.70 1.79
N SER B 19 -4.08 9.75 0.84
CA SER B 19 -4.22 10.88 -0.08
C SER B 19 -5.48 11.64 0.31
N PHE B 20 -5.36 12.96 0.38
CA PHE B 20 -6.48 13.80 0.75
C PHE B 20 -6.83 14.79 -0.35
N GLN B 21 -8.13 15.02 -0.51
CA GLN B 21 -8.65 15.94 -1.51
C GLN B 21 -9.71 16.72 -0.76
N GLY B 22 -9.93 17.97 -1.14
CA GLY B 22 -10.94 18.76 -0.45
C GLY B 22 -10.45 19.14 0.93
N ASN B 23 -11.35 19.05 1.90
CA ASN B 23 -10.96 19.40 3.26
C ASN B 23 -10.87 18.23 4.23
N ALA B 24 -10.44 17.08 3.72
CA ALA B 24 -10.32 15.90 4.55
C ALA B 24 -8.93 15.91 5.21
N SER B 25 -8.85 15.51 6.48
CA SER B 25 -7.57 15.49 7.19
C SER B 25 -7.61 14.67 8.47
N VAL B 26 -6.43 14.50 9.09
CA VAL B 26 -6.31 13.75 10.34
C VAL B 26 -6.11 14.82 11.42
N ILE B 27 -6.94 14.79 12.44
CA ILE B 27 -6.85 15.77 13.52
C ILE B 27 -5.99 15.28 14.69
N GLU B 28 -5.59 16.21 15.56
CA GLU B 28 -4.75 15.92 16.75
C GLU B 28 -5.14 14.69 17.57
N THR B 29 -6.43 14.37 17.64
CA THR B 29 -6.90 13.22 18.40
C THR B 29 -6.66 11.88 17.72
N GLY B 30 -6.17 11.91 16.47
CA GLY B 30 -5.90 10.68 15.74
C GLY B 30 -7.16 10.15 15.08
N VAL B 31 -8.01 11.06 14.63
CA VAL B 31 -9.26 10.69 13.97
C VAL B 31 -9.28 11.21 12.54
N LEU B 32 -9.80 10.40 11.62
CA LEU B 32 -9.87 10.79 10.21
C LEU B 32 -11.15 11.64 10.04
N GLN B 33 -10.99 12.94 9.82
CA GLN B 33 -12.13 13.84 9.64
C GLN B 33 -12.34 14.06 8.15
N LEU B 34 -13.42 13.51 7.62
CA LEU B 34 -13.75 13.63 6.19
C LEU B 34 -14.10 15.00 5.64
N ASN B 35 -14.60 15.89 6.49
CA ASN B 35 -14.97 17.24 6.06
C ASN B 35 -14.95 18.24 7.20
N LYS B 36 -14.77 19.51 6.87
CA LYS B 36 -14.73 20.57 7.87
C LYS B 36 -16.09 21.27 7.99
N VAL B 37 -16.25 22.05 9.07
CA VAL B 37 -17.46 22.81 9.37
C VAL B 37 -16.96 24.18 9.86
N GLY B 38 -17.53 25.25 9.32
CA GLY B 38 -17.16 26.60 9.68
C GLY B 38 -17.71 27.53 8.61
N ASN B 39 -17.82 28.82 8.89
CA ASN B 39 -18.36 29.73 7.88
C ASN B 39 -17.41 30.11 6.75
N ASN B 40 -16.14 29.72 6.89
CA ASN B 40 -15.14 30.03 5.87
C ASN B 40 -15.18 28.97 4.75
N LEU B 41 -16.32 28.29 4.60
CA LEU B 41 -16.50 27.23 3.59
C LEU B 41 -17.65 27.53 2.61
N PRO B 42 -17.61 26.91 1.41
CA PRO B 42 -18.65 27.10 0.38
C PRO B 42 -19.97 26.44 0.84
N ASP B 43 -21.08 26.76 0.17
CA ASP B 43 -22.38 26.20 0.54
C ASP B 43 -22.32 24.68 0.50
N GLU B 44 -21.74 24.15 -0.57
CA GLU B 44 -21.59 22.70 -0.76
C GLU B 44 -20.12 22.48 -0.46
N THR B 45 -19.84 21.74 0.61
CA THR B 45 -18.46 21.46 1.01
C THR B 45 -18.25 19.98 1.38
N GLY B 46 -17.02 19.50 1.25
CA GLY B 46 -16.72 18.10 1.59
C GLY B 46 -15.25 17.72 1.47
N GLY B 47 -14.96 16.43 1.59
CA GLY B 47 -13.60 15.94 1.49
C GLY B 47 -13.46 14.49 1.05
N ILE B 48 -12.24 14.11 0.66
CA ILE B 48 -11.93 12.74 0.20
C ILE B 48 -10.56 12.25 0.71
N ALA B 49 -10.53 11.00 1.14
CA ALA B 49 -9.33 10.35 1.66
C ALA B 49 -9.27 8.88 1.23
N ARG B 50 -8.18 8.50 0.59
CA ARG B 50 -7.99 7.11 0.14
C ARG B 50 -6.59 6.56 0.43
N TYR B 51 -6.49 5.24 0.55
CA TYR B 51 -5.19 4.62 0.82
C TYR B 51 -4.34 4.96 -0.42
N ILE B 52 -3.08 5.32 -0.21
CA ILE B 52 -2.17 5.68 -1.31
C ILE B 52 -1.87 4.64 -2.41
N ALA B 53 -2.00 3.35 -2.11
CA ALA B 53 -1.72 2.34 -3.14
C ALA B 53 -2.97 1.80 -3.84
N PRO B 54 -2.92 1.71 -5.19
CA PRO B 54 -4.05 1.18 -5.96
C PRO B 54 -4.22 -0.31 -5.62
N ILE B 55 -5.46 -0.78 -5.68
CA ILE B 55 -5.81 -2.17 -5.39
C ILE B 55 -6.10 -2.90 -6.72
N HIS B 56 -5.52 -4.08 -6.94
CA HIS B 56 -5.78 -4.84 -8.18
C HIS B 56 -7.14 -5.54 -7.92
N ILE B 57 -8.23 -4.97 -8.44
CA ILE B 57 -9.58 -5.55 -8.23
C ILE B 57 -9.99 -6.72 -9.16
N TRP B 58 -9.63 -6.64 -10.44
CA TRP B 58 -9.94 -7.72 -11.37
C TRP B 58 -8.81 -7.80 -12.41
N ASN B 59 -8.51 -9.02 -12.83
CA ASN B 59 -7.45 -9.31 -13.79
C ASN B 59 -8.00 -9.72 -15.16
N CYS B 60 -7.68 -8.94 -16.19
CA CYS B 60 -8.17 -9.24 -17.55
C CYS B 60 -7.61 -10.51 -18.22
N ASN B 61 -6.32 -10.76 -18.01
CA ASN B 61 -5.65 -11.93 -18.60
C ASN B 61 -6.21 -13.28 -18.16
N THR B 62 -6.60 -13.39 -16.89
CA THR B 62 -7.14 -14.63 -16.36
C THR B 62 -8.67 -14.56 -16.23
N GLY B 63 -9.22 -13.37 -16.40
CA GLY B 63 -10.66 -13.19 -16.29
C GLY B 63 -11.16 -13.23 -14.86
N GLU B 64 -10.23 -13.19 -13.90
CA GLU B 64 -10.61 -13.23 -12.48
C GLU B 64 -11.01 -11.92 -11.79
N LEU B 65 -11.82 -12.08 -10.76
CA LEU B 65 -12.32 -10.97 -9.98
C LEU B 65 -11.97 -11.22 -8.52
N ALA B 66 -11.56 -10.18 -7.79
CA ALA B 66 -11.22 -10.35 -6.39
C ALA B 66 -12.39 -10.20 -5.41
N SER B 67 -12.26 -10.84 -4.25
CA SER B 67 -13.27 -10.79 -3.19
C SER B 67 -12.61 -9.91 -2.10
N PHE B 68 -13.36 -9.01 -1.49
CA PHE B 68 -12.79 -8.15 -0.44
C PHE B 68 -13.73 -8.00 0.75
N ILE B 69 -13.23 -7.41 1.82
CA ILE B 69 -14.03 -7.20 3.01
C ILE B 69 -13.38 -6.06 3.74
N THR B 70 -14.19 -5.13 4.21
CA THR B 70 -13.66 -3.99 4.94
C THR B 70 -14.60 -3.72 6.11
N SER B 71 -14.08 -3.03 7.11
CA SER B 71 -14.87 -2.69 8.30
C SER B 71 -14.25 -1.49 8.97
N PHE B 72 -15.09 -0.60 9.48
CA PHE B 72 -14.64 0.61 10.15
C PHE B 72 -15.74 1.09 11.10
N SER B 73 -15.38 2.04 11.97
CA SER B 73 -16.31 2.62 12.94
C SER B 73 -16.29 4.12 12.69
N PHE B 74 -17.46 4.75 12.77
CA PHE B 74 -17.53 6.19 12.54
C PHE B 74 -18.57 6.84 13.44
N PHE B 75 -18.52 8.16 13.51
CA PHE B 75 -19.45 8.93 14.30
C PHE B 75 -19.55 10.30 13.64
N MET B 76 -20.63 11.02 13.90
CA MET B 76 -20.83 12.35 13.32
C MET B 76 -21.31 13.33 14.39
N GLU B 77 -20.98 14.61 14.18
CA GLU B 77 -21.36 15.67 15.11
C GLU B 77 -21.90 16.88 14.36
N THR B 78 -22.97 17.46 14.91
CA THR B 78 -23.64 18.62 14.31
C THR B 78 -24.12 19.67 15.33
N SER B 79 -23.98 20.93 14.95
CA SER B 79 -24.41 22.04 15.80
C SER B 79 -25.89 22.37 15.44
N ALA B 80 -26.31 21.94 14.25
CA ALA B 80 -27.68 22.17 13.78
C ALA B 80 -28.59 21.03 14.29
N ASN B 81 -29.84 21.02 13.85
CA ASN B 81 -30.80 20.00 14.27
C ASN B 81 -30.57 18.65 13.60
N PRO B 82 -30.37 17.59 14.41
CA PRO B 82 -30.13 16.22 13.92
C PRO B 82 -30.98 15.80 12.71
N LYS B 83 -32.28 16.04 12.78
CA LYS B 83 -33.19 15.68 11.69
C LYS B 83 -32.89 16.43 10.38
N ALA B 84 -32.29 17.61 10.47
CA ALA B 84 -31.99 18.39 9.26
C ALA B 84 -30.51 18.51 8.82
N ALA B 85 -29.59 17.82 9.49
CA ALA B 85 -28.17 17.91 9.11
C ALA B 85 -27.87 17.05 7.87
N THR B 86 -27.04 17.60 6.96
CA THR B 86 -26.65 16.90 5.72
C THR B 86 -25.13 16.63 5.75
N ASP B 87 -24.58 15.77 4.88
CA ASP B 87 -25.27 15.01 3.84
C ASP B 87 -25.00 13.51 4.05
N GLY B 88 -23.90 13.20 4.73
CA GLY B 88 -23.52 11.83 5.01
C GLY B 88 -22.09 11.52 4.58
N LEU B 89 -21.76 10.24 4.47
CA LEU B 89 -20.43 9.81 4.06
C LEU B 89 -20.58 8.53 3.22
N THR B 90 -19.53 8.18 2.48
CA THR B 90 -19.53 6.98 1.62
C THR B 90 -18.19 6.25 1.63
N PHE B 91 -18.24 4.99 1.22
CA PHE B 91 -17.07 4.15 1.13
C PHE B 91 -17.16 3.86 -0.38
N PHE B 92 -16.08 4.09 -1.13
CA PHE B 92 -16.15 3.85 -2.57
C PHE B 92 -14.89 3.29 -3.27
N LEU B 93 -15.10 2.81 -4.49
CA LEU B 93 -14.09 2.25 -5.38
C LEU B 93 -14.23 3.08 -6.65
N ALA B 94 -13.14 3.67 -7.13
CA ALA B 94 -13.14 4.51 -8.35
C ALA B 94 -11.73 4.53 -8.93
N PRO B 95 -11.54 5.09 -10.15
CA PRO B 95 -10.18 5.12 -10.70
C PRO B 95 -9.26 5.94 -9.78
N PRO B 96 -8.01 5.49 -9.59
CA PRO B 96 -7.04 6.17 -8.73
C PRO B 96 -6.87 7.66 -8.97
N ASP B 97 -7.01 8.06 -10.22
CA ASP B 97 -6.86 9.47 -10.55
C ASP B 97 -8.15 10.34 -10.60
N SER B 98 -9.28 9.82 -10.14
CA SER B 98 -10.51 10.61 -10.17
C SER B 98 -10.39 11.88 -9.32
N PRO B 99 -10.93 12.99 -9.83
CA PRO B 99 -10.88 14.27 -9.11
C PRO B 99 -12.08 14.49 -8.18
N LEU B 100 -11.97 15.47 -7.31
CA LEU B 100 -13.04 15.79 -6.39
C LEU B 100 -14.17 16.39 -7.25
N ARG B 101 -15.36 15.81 -7.15
CA ARG B 101 -16.48 16.28 -7.92
C ARG B 101 -17.28 17.35 -7.12
N ARG B 102 -18.60 17.30 -7.16
CA ARG B 102 -19.44 18.26 -6.45
C ARG B 102 -19.85 17.75 -5.07
N ALA B 103 -19.81 18.64 -4.09
CA ALA B 103 -20.18 18.29 -2.72
C ALA B 103 -21.68 18.33 -2.45
N GLY B 104 -22.04 18.58 -1.19
CA GLY B 104 -23.44 18.64 -0.81
C GLY B 104 -24.02 17.24 -0.90
N GLY B 105 -25.17 17.12 -1.58
CA GLY B 105 -25.83 15.83 -1.75
C GLY B 105 -25.14 14.91 -2.75
N TYR B 106 -24.08 15.39 -3.39
CA TYR B 106 -23.34 14.59 -4.37
C TYR B 106 -22.11 13.84 -3.84
N PHE B 107 -21.86 13.98 -2.54
CA PHE B 107 -20.75 13.33 -1.87
C PHE B 107 -19.37 13.52 -2.52
N GLY B 108 -19.21 14.58 -3.31
CA GLY B 108 -17.93 14.82 -3.97
C GLY B 108 -17.58 13.80 -5.03
N LEU B 109 -18.48 12.87 -5.31
CA LEU B 109 -18.26 11.82 -6.32
C LEU B 109 -18.93 12.06 -7.68
N PHE B 110 -20.08 12.75 -7.67
CA PHE B 110 -20.83 13.03 -8.90
C PHE B 110 -21.04 14.51 -9.23
N ASN B 111 -21.29 14.80 -10.51
CA ASN B 111 -21.53 16.16 -11.00
C ASN B 111 -23.00 16.59 -10.81
N ASP B 112 -23.91 15.66 -11.11
CA ASP B 112 -25.36 15.88 -11.00
C ASP B 112 -26.14 14.57 -10.85
N THR B 113 -27.45 14.63 -11.07
CA THR B 113 -28.32 13.44 -10.96
C THR B 113 -28.32 12.47 -12.14
N LYS B 114 -27.81 12.88 -13.30
CA LYS B 114 -27.77 12.00 -14.47
C LYS B 114 -26.79 10.85 -14.26
N CYS B 115 -27.22 9.63 -14.58
CA CYS B 115 -26.37 8.45 -14.43
C CYS B 115 -25.43 8.42 -15.64
N ASP B 116 -24.19 7.98 -15.44
CA ASP B 116 -23.19 7.90 -16.53
C ASP B 116 -22.16 6.82 -16.23
N SER B 117 -21.99 5.89 -17.15
CA SER B 117 -21.04 4.77 -17.00
C SER B 117 -19.56 5.21 -16.99
N SER B 118 -19.32 6.47 -17.30
CA SER B 118 -17.97 7.07 -17.33
C SER B 118 -17.41 7.36 -15.93
N TYR B 119 -18.29 7.32 -14.92
CA TYR B 119 -17.91 7.56 -13.54
C TYR B 119 -17.02 6.42 -13.05
N GLN B 120 -17.42 5.20 -13.37
CA GLN B 120 -16.67 4.00 -12.98
C GLN B 120 -16.52 4.03 -11.46
N THR B 121 -17.62 4.34 -10.76
CA THR B 121 -17.64 4.43 -9.31
C THR B 121 -18.64 3.49 -8.67
N VAL B 122 -18.26 2.84 -7.59
CA VAL B 122 -19.15 1.92 -6.87
C VAL B 122 -19.00 2.35 -5.42
N ALA B 123 -20.05 2.97 -4.89
CA ALA B 123 -20.02 3.45 -3.51
C ALA B 123 -21.16 2.91 -2.68
N VAL B 124 -20.93 2.91 -1.37
CA VAL B 124 -21.91 2.46 -0.39
C VAL B 124 -22.07 3.79 0.38
N GLU B 125 -23.24 4.42 0.23
CA GLU B 125 -23.54 5.69 0.88
C GLU B 125 -24.31 5.57 2.19
N PHE B 126 -24.06 6.53 3.07
CA PHE B 126 -24.69 6.62 4.39
C PHE B 126 -25.25 8.02 4.27
N ASP B 127 -26.38 8.05 3.55
CA ASP B 127 -27.16 9.24 3.24
C ASP B 127 -28.02 9.72 4.40
N THR B 128 -27.66 10.87 4.96
CA THR B 128 -28.38 11.45 6.10
C THR B 128 -29.64 12.25 5.76
N ILE B 129 -29.76 12.76 4.54
CA ILE B 129 -30.93 13.54 4.17
C ILE B 129 -31.58 13.07 2.86
N GLY B 130 -32.91 12.92 2.88
CA GLY B 130 -33.64 12.47 1.70
C GLY B 130 -34.56 13.55 1.13
N SER B 131 -35.61 13.11 0.44
CA SER B 131 -36.58 14.05 -0.15
C SER B 131 -37.49 14.58 0.97
N PRO B 132 -38.09 15.76 0.76
CA PRO B 132 -38.03 16.66 -0.42
C PRO B 132 -36.72 17.42 -0.67
N VAL B 133 -35.81 17.44 0.31
CA VAL B 133 -34.53 18.15 0.15
C VAL B 133 -33.76 17.61 -1.06
N ASN B 134 -33.59 16.29 -1.12
CA ASN B 134 -32.88 15.66 -2.24
C ASN B 134 -34.00 14.89 -2.91
N PHE B 135 -34.56 15.44 -3.99
CA PHE B 135 -35.66 14.78 -4.70
C PHE B 135 -35.43 13.35 -5.21
N TRP B 136 -34.18 13.02 -5.54
CA TRP B 136 -33.83 11.68 -6.03
C TRP B 136 -33.81 10.62 -4.93
N ASP B 137 -33.91 11.06 -3.68
CA ASP B 137 -33.90 10.17 -2.50
C ASP B 137 -35.27 9.84 -1.91
N PRO B 138 -35.32 8.78 -1.07
CA PRO B 138 -36.57 8.36 -0.40
C PRO B 138 -36.84 9.43 0.68
N GLY B 139 -38.04 9.45 1.28
CA GLY B 139 -38.34 10.44 2.30
C GLY B 139 -37.83 10.09 3.68
N PHE B 140 -36.52 9.83 3.81
CA PHE B 140 -35.89 9.47 5.09
C PHE B 140 -34.41 9.12 4.90
N PRO B 141 -33.61 9.16 5.99
CA PRO B 141 -32.17 8.82 5.92
C PRO B 141 -32.06 7.32 5.57
N HIS B 142 -31.06 6.96 4.79
CA HIS B 142 -30.90 5.57 4.39
C HIS B 142 -29.46 5.20 4.00
N ILE B 143 -29.25 3.90 3.80
CA ILE B 143 -27.96 3.35 3.39
C ILE B 143 -28.27 2.68 2.05
N GLY B 144 -27.45 2.92 1.04
CA GLY B 144 -27.71 2.31 -0.25
C GLY B 144 -26.48 2.10 -1.08
N ILE B 145 -26.61 1.27 -2.10
CA ILE B 145 -25.53 0.94 -3.03
C ILE B 145 -25.67 1.80 -4.28
N ASP B 146 -24.62 2.50 -4.65
CA ASP B 146 -24.65 3.34 -5.84
C ASP B 146 -23.70 2.79 -6.90
N VAL B 147 -24.16 2.81 -8.14
CA VAL B 147 -23.38 2.32 -9.26
C VAL B 147 -23.47 3.40 -10.34
N ASN B 148 -22.36 4.13 -10.51
CA ASN B 148 -22.24 5.21 -11.49
C ASN B 148 -23.31 6.29 -11.41
N CYS B 149 -24.04 6.34 -10.30
CA CYS B 149 -25.08 7.34 -10.17
C CYS B 149 -25.42 7.67 -8.72
N VAL B 150 -25.95 8.88 -8.51
CA VAL B 150 -26.34 9.33 -7.18
C VAL B 150 -27.65 8.61 -6.76
N LYS B 151 -28.28 7.91 -7.72
CA LYS B 151 -29.54 7.16 -7.49
C LYS B 151 -29.13 5.73 -7.14
N SER B 152 -29.34 5.33 -5.90
CA SER B 152 -28.99 3.97 -5.46
C SER B 152 -29.81 2.90 -6.17
N ILE B 153 -29.16 1.82 -6.59
CA ILE B 153 -29.88 0.74 -7.27
C ILE B 153 -30.65 -0.04 -6.19
N ASN B 154 -30.44 0.35 -4.94
CA ASN B 154 -31.09 -0.29 -3.81
C ASN B 154 -30.71 0.47 -2.54
N ALA B 155 -31.67 0.67 -1.64
CA ALA B 155 -31.44 1.38 -0.39
C ALA B 155 -32.29 0.76 0.72
N GLU B 156 -32.08 1.19 1.95
CA GLU B 156 -32.83 0.67 3.09
C GLU B 156 -32.93 1.77 4.14
N ARG B 157 -34.01 1.76 4.93
CA ARG B 157 -34.22 2.76 5.96
C ARG B 157 -33.16 2.80 7.07
N TRP B 158 -32.66 4.01 7.35
CA TRP B 158 -31.65 4.20 8.37
C TRP B 158 -32.07 5.25 9.39
N ASN B 159 -32.08 4.87 10.66
CA ASN B 159 -32.46 5.77 11.74
C ASN B 159 -31.21 6.41 12.33
N LYS B 160 -30.67 7.40 11.62
CA LYS B 160 -29.45 8.12 12.04
C LYS B 160 -29.39 8.65 13.48
N ARG B 161 -28.21 8.54 14.08
CA ARG B 161 -27.95 8.99 15.45
C ARG B 161 -26.68 9.85 15.41
N TYR B 162 -26.59 10.84 16.29
CA TYR B 162 -25.42 11.71 16.32
C TYR B 162 -24.69 11.65 17.66
N GLY B 163 -23.44 12.11 17.67
CA GLY B 163 -22.62 12.12 18.88
C GLY B 163 -21.64 10.96 19.02
N LEU B 164 -20.55 11.24 19.74
CA LEU B 164 -19.49 10.25 20.00
C LEU B 164 -20.02 9.01 20.74
N ASN B 165 -21.10 9.20 21.51
CA ASN B 165 -21.71 8.12 22.26
C ASN B 165 -22.54 7.20 21.34
N ASN B 166 -22.67 7.61 20.09
CA ASN B 166 -23.43 6.81 19.14
C ASN B 166 -22.53 6.33 18.00
N VAL B 167 -21.42 5.69 18.35
CA VAL B 167 -20.48 5.19 17.34
C VAL B 167 -21.16 4.07 16.53
N ALA B 168 -20.93 4.06 15.21
CA ALA B 168 -21.52 3.04 14.34
C ALA B 168 -20.45 2.05 13.85
N ASN B 169 -20.80 0.77 13.78
CA ASN B 169 -19.91 -0.29 13.32
C ASN B 169 -20.36 -0.70 11.92
N VAL B 170 -19.48 -0.52 10.95
CA VAL B 170 -19.81 -0.86 9.58
C VAL B 170 -18.95 -2.01 9.05
N GLU B 171 -19.57 -2.83 8.20
CA GLU B 171 -18.93 -3.98 7.58
C GLU B 171 -19.44 -4.16 6.15
N ILE B 172 -18.52 -4.10 5.20
CA ILE B 172 -18.87 -4.26 3.80
C ILE B 172 -18.12 -5.46 3.25
N ILE B 173 -18.80 -6.28 2.47
CA ILE B 173 -18.16 -7.45 1.89
C ILE B 173 -18.66 -7.72 0.47
N TYR B 174 -17.72 -8.16 -0.38
CA TYR B 174 -18.01 -8.47 -1.76
C TYR B 174 -17.51 -9.86 -2.08
N GLU B 175 -18.42 -10.79 -2.32
CA GLU B 175 -18.03 -12.15 -2.65
C GLU B 175 -18.09 -12.29 -4.17
N ALA B 176 -16.92 -12.40 -4.79
CA ALA B 176 -16.80 -12.53 -6.24
C ALA B 176 -17.53 -13.69 -6.93
N SER B 177 -17.56 -14.87 -6.32
CA SER B 177 -18.26 -16.00 -6.95
C SER B 177 -19.74 -15.75 -7.21
N SER B 178 -20.40 -15.09 -6.27
CA SER B 178 -21.82 -14.78 -6.38
C SER B 178 -22.10 -13.32 -6.74
N LYS B 179 -21.05 -12.58 -7.09
CA LYS B 179 -21.20 -11.15 -7.44
C LYS B 179 -22.08 -10.37 -6.45
N THR B 180 -22.07 -10.79 -5.18
CA THR B 180 -22.87 -10.17 -4.12
C THR B 180 -22.17 -9.09 -3.24
N LEU B 181 -22.71 -7.87 -3.23
CA LEU B 181 -22.16 -6.78 -2.44
C LEU B 181 -23.07 -6.51 -1.22
N THR B 182 -22.62 -6.90 -0.02
CA THR B 182 -23.40 -6.68 1.21
C THR B 182 -22.78 -5.67 2.18
N ALA B 183 -23.62 -4.79 2.75
CA ALA B 183 -23.19 -3.77 3.69
C ALA B 183 -24.11 -3.81 4.91
N SER B 184 -23.54 -3.79 6.11
CA SER B 184 -24.35 -3.82 7.31
C SER B 184 -23.83 -2.83 8.35
N LEU B 185 -24.75 -2.08 8.95
CA LEU B 185 -24.43 -1.09 9.96
C LEU B 185 -25.03 -1.55 11.29
N THR B 186 -24.23 -1.45 12.35
CA THR B 186 -24.67 -1.86 13.69
C THR B 186 -24.27 -0.88 14.79
N TYR B 187 -25.22 -0.61 15.68
CA TYR B 187 -24.99 0.29 16.78
C TYR B 187 -24.80 -0.65 17.98
N PRO B 188 -23.55 -0.79 18.44
CA PRO B 188 -23.31 -1.69 19.58
C PRO B 188 -24.01 -1.31 20.92
N SER B 189 -24.38 -0.04 21.12
CA SER B 189 -25.06 0.37 22.37
C SER B 189 -26.31 -0.47 22.64
N ASP B 190 -27.25 -0.46 21.68
CA ASP B 190 -28.49 -1.23 21.84
C ASP B 190 -28.61 -2.41 20.88
N GLN B 191 -27.62 -2.56 20.00
CA GLN B 191 -27.58 -3.63 19.01
C GLN B 191 -28.56 -3.52 17.84
N THR B 192 -28.80 -2.30 17.36
CA THR B 192 -29.72 -2.10 16.24
C THR B 192 -28.86 -2.46 15.02
N SER B 193 -29.41 -3.21 14.06
CA SER B 193 -28.66 -3.60 12.88
C SER B 193 -29.46 -3.55 11.58
N ILE B 194 -28.89 -2.96 10.54
CA ILE B 194 -29.55 -2.86 9.24
C ILE B 194 -28.65 -3.33 8.09
N SER B 195 -29.25 -3.73 6.97
CA SER B 195 -28.47 -4.21 5.82
C SER B 195 -29.06 -3.90 4.44
N VAL B 196 -28.23 -4.05 3.42
CA VAL B 196 -28.58 -3.83 2.02
C VAL B 196 -27.73 -4.82 1.23
N THR B 197 -28.21 -5.25 0.08
CA THR B 197 -27.48 -6.21 -0.75
C THR B 197 -27.93 -6.07 -2.19
N SER B 198 -27.00 -6.26 -3.11
CA SER B 198 -27.27 -6.16 -4.54
C SER B 198 -26.30 -7.07 -5.28
N ILE B 199 -26.67 -7.49 -6.48
CA ILE B 199 -25.80 -8.34 -7.27
C ILE B 199 -25.20 -7.38 -8.29
N VAL B 200 -23.90 -7.14 -8.20
CA VAL B 200 -23.22 -6.23 -9.12
C VAL B 200 -21.92 -6.85 -9.64
N ASP B 201 -21.73 -6.74 -10.96
CA ASP B 201 -20.56 -7.28 -11.62
C ASP B 201 -19.55 -6.14 -11.76
N LEU B 202 -18.61 -6.11 -10.82
CA LEU B 202 -17.56 -5.10 -10.78
C LEU B 202 -16.70 -5.09 -12.02
N LYS B 203 -16.54 -6.26 -12.65
CA LYS B 203 -15.73 -6.39 -13.84
C LYS B 203 -16.14 -5.51 -15.02
N GLU B 204 -17.43 -5.19 -15.13
CA GLU B 204 -17.86 -4.34 -16.25
C GLU B 204 -18.25 -2.92 -15.85
N ILE B 205 -17.70 -2.45 -14.73
CA ILE B 205 -17.97 -1.10 -14.22
C ILE B 205 -16.67 -0.38 -13.91
N LEU B 206 -15.78 -1.09 -13.20
CA LEU B 206 -14.48 -0.57 -12.78
C LEU B 206 -13.27 -0.99 -13.60
N PRO B 207 -12.22 -0.14 -13.60
CA PRO B 207 -11.02 -0.51 -14.34
C PRO B 207 -10.32 -1.57 -13.46
N GLU B 208 -9.31 -2.23 -13.98
CA GLU B 208 -8.59 -3.26 -13.20
C GLU B 208 -7.95 -2.76 -11.91
N TRP B 209 -7.48 -1.52 -11.93
CA TRP B 209 -6.85 -0.91 -10.75
C TRP B 209 -7.70 0.26 -10.27
N VAL B 210 -8.09 0.23 -8.99
CA VAL B 210 -8.91 1.25 -8.36
C VAL B 210 -8.30 1.64 -7.01
N SER B 211 -8.86 2.67 -6.37
CA SER B 211 -8.38 3.12 -5.07
C SER B 211 -9.54 2.94 -4.09
N VAL B 212 -9.25 2.65 -2.83
CA VAL B 212 -10.33 2.48 -1.86
C VAL B 212 -10.27 3.69 -0.94
N GLY B 213 -11.42 4.15 -0.48
CA GLY B 213 -11.42 5.30 0.39
C GLY B 213 -12.77 5.79 0.89
N PHE B 214 -12.75 6.99 1.44
CA PHE B 214 -13.94 7.61 1.98
C PHE B 214 -14.14 9.04 1.46
N SER B 215 -15.38 9.52 1.61
CA SER B 215 -15.75 10.88 1.21
C SER B 215 -16.79 11.35 2.25
N GLY B 216 -16.87 12.67 2.48
CA GLY B 216 -17.80 13.24 3.44
C GLY B 216 -18.20 14.64 2.99
N SER B 217 -19.50 14.95 3.07
CA SER B 217 -19.97 16.27 2.66
C SER B 217 -21.11 16.82 3.53
N THR B 218 -21.34 18.12 3.41
CA THR B 218 -22.38 18.81 4.16
C THR B 218 -22.81 20.09 3.43
N TYR B 219 -23.91 20.69 3.87
CA TYR B 219 -24.41 21.92 3.26
C TYR B 219 -24.51 23.03 4.28
N ILE B 220 -24.27 24.26 3.83
CA ILE B 220 -24.34 25.44 4.70
C ILE B 220 -25.70 25.52 5.40
N GLY B 221 -25.68 25.82 6.70
CA GLY B 221 -26.92 25.92 7.45
C GLY B 221 -27.29 24.65 8.20
N ARG B 222 -27.05 23.50 7.56
CA ARG B 222 -27.36 22.20 8.16
C ARG B 222 -26.06 21.37 8.35
N GLN B 223 -24.94 22.09 8.50
CA GLN B 223 -23.61 21.51 8.68
C GLN B 223 -23.39 20.46 9.75
N ALA B 224 -22.73 19.39 9.34
CA ALA B 224 -22.40 18.26 10.20
C ALA B 224 -21.03 17.72 9.76
N THR B 225 -20.26 17.22 10.71
CA THR B 225 -18.95 16.68 10.42
C THR B 225 -18.98 15.14 10.53
N HIS B 226 -18.30 14.47 9.61
CA HIS B 226 -18.23 13.00 9.57
C HIS B 226 -16.81 12.51 9.82
N GLU B 227 -16.67 11.61 10.79
CA GLU B 227 -15.37 11.06 11.14
C GLU B 227 -15.20 9.56 11.33
N VAL B 228 -14.01 9.08 10.97
CA VAL B 228 -13.66 7.67 11.04
C VAL B 228 -12.61 7.43 12.14
N LEU B 229 -12.83 6.39 12.93
CA LEU B 229 -11.94 6.01 14.03
C LEU B 229 -10.86 4.97 13.67
N ASN B 230 -11.22 4.00 12.85
CA ASN B 230 -10.29 2.97 12.46
C ASN B 230 -10.72 2.40 11.12
N TRP B 231 -9.89 1.56 10.52
CA TRP B 231 -10.18 0.95 9.23
C TRP B 231 -9.36 -0.32 8.99
N TYR B 232 -10.04 -1.36 8.52
CA TYR B 232 -9.46 -2.65 8.20
C TYR B 232 -9.90 -2.95 6.76
N PHE B 233 -9.00 -3.53 5.96
CA PHE B 233 -9.29 -3.86 4.57
C PHE B 233 -8.46 -5.07 4.14
N THR B 234 -9.05 -5.95 3.34
CA THR B 234 -8.35 -7.12 2.85
C THR B 234 -8.99 -7.64 1.56
N SER B 235 -8.18 -7.83 0.53
CA SER B 235 -8.66 -8.33 -0.77
C SER B 235 -7.73 -9.46 -1.20
N THR B 236 -8.30 -10.42 -1.91
CA THR B 236 -7.55 -11.55 -2.39
C THR B 236 -8.23 -12.12 -3.60
N PHE B 237 -7.45 -12.78 -4.46
CA PHE B 237 -7.98 -13.39 -5.67
C PHE B 237 -8.25 -14.85 -5.36
N ILE B 238 -7.60 -15.36 -4.32
CA ILE B 238 -7.74 -16.75 -3.90
C ILE B 238 -8.66 -16.88 -2.67
N ASN B 239 -9.96 -16.85 -2.90
CA ASN B 239 -10.93 -16.98 -1.80
C ASN B 239 -12.26 -17.46 -2.35
#